data_1D26
# 
_entry.id   1D26 
# 
_audit_conform.dict_name       mmcif_pdbx.dic 
_audit_conform.dict_version    5.385 
_audit_conform.dict_location   http://mmcif.pdb.org/dictionaries/ascii/mmcif_pdbx.dic 
# 
loop_
_database_2.database_id 
_database_2.database_code 
_database_2.pdbx_database_accession 
_database_2.pdbx_DOI 
PDB   1D26         pdb_00001d26 10.2210/pdb1d26/pdb 
RCSB  ADHP36       ?            ?                   
WWPDB D_1000172630 ?            ?                   
# 
loop_
_pdbx_audit_revision_history.ordinal 
_pdbx_audit_revision_history.data_content_type 
_pdbx_audit_revision_history.major_revision 
_pdbx_audit_revision_history.minor_revision 
_pdbx_audit_revision_history.revision_date 
1 'Structure model' 1 0 1992-04-07 
2 'Structure model' 1 1 2008-05-22 
3 'Structure model' 1 2 2011-07-13 
4 'Structure model' 1 3 2024-02-07 
# 
_pdbx_audit_revision_details.ordinal             1 
_pdbx_audit_revision_details.revision_ordinal    1 
_pdbx_audit_revision_details.data_content_type   'Structure model' 
_pdbx_audit_revision_details.provider            repository 
_pdbx_audit_revision_details.type                'Initial release' 
_pdbx_audit_revision_details.description         ? 
_pdbx_audit_revision_details.details             ? 
# 
loop_
_pdbx_audit_revision_group.ordinal 
_pdbx_audit_revision_group.revision_ordinal 
_pdbx_audit_revision_group.data_content_type 
_pdbx_audit_revision_group.group 
1 2 'Structure model' 'Version format compliance' 
2 3 'Structure model' 'Version format compliance' 
3 4 'Structure model' 'Data collection'           
4 4 'Structure model' 'Database references'       
5 4 'Structure model' 'Derived calculations'      
# 
loop_
_pdbx_audit_revision_category.ordinal 
_pdbx_audit_revision_category.revision_ordinal 
_pdbx_audit_revision_category.data_content_type 
_pdbx_audit_revision_category.category 
1 4 'Structure model' chem_comp_atom 
2 4 'Structure model' chem_comp_bond 
3 4 'Structure model' database_2     
4 4 'Structure model' diffrn_source  
5 4 'Structure model' struct_conn    
# 
loop_
_pdbx_audit_revision_item.ordinal 
_pdbx_audit_revision_item.revision_ordinal 
_pdbx_audit_revision_item.data_content_type 
_pdbx_audit_revision_item.item 
1  4 'Structure model' '_database_2.pdbx_DOI'                 
2  4 'Structure model' '_database_2.pdbx_database_accession'  
3  4 'Structure model' '_diffrn_source.pdbx_synchrotron_site' 
4  4 'Structure model' '_struct_conn.pdbx_dist_value'         
5  4 'Structure model' '_struct_conn.pdbx_leaving_atom_flag'  
6  4 'Structure model' '_struct_conn.ptnr1_auth_comp_id'      
7  4 'Structure model' '_struct_conn.ptnr1_auth_seq_id'       
8  4 'Structure model' '_struct_conn.ptnr1_label_atom_id'     
9  4 'Structure model' '_struct_conn.ptnr1_label_comp_id'     
10 4 'Structure model' '_struct_conn.ptnr1_label_seq_id'      
11 4 'Structure model' '_struct_conn.ptnr2_auth_comp_id'      
12 4 'Structure model' '_struct_conn.ptnr2_auth_seq_id'       
13 4 'Structure model' '_struct_conn.ptnr2_label_comp_id'     
14 4 'Structure model' '_struct_conn.ptnr2_label_seq_id'      
# 
_pdbx_database_status.status_code                     REL 
_pdbx_database_status.entry_id                        1D26 
_pdbx_database_status.recvd_initial_deposition_date   1990-09-17 
_pdbx_database_status.deposit_site                    BNL 
_pdbx_database_status.process_site                    NDB 
_pdbx_database_status.status_code_sf                  REL 
_pdbx_database_status.status_code_mr                  ? 
_pdbx_database_status.SG_entry                        ? 
_pdbx_database_status.pdb_format_compatible           Y 
_pdbx_database_status.status_code_cs                  ? 
_pdbx_database_status.status_code_nmr_data            ? 
_pdbx_database_status.methods_development_category    ? 
# 
_audit_author.name           'Heinemann, U.' 
_audit_author.pdbx_ordinal   1 
# 
loop_
_citation.id 
_citation.title 
_citation.journal_abbrev 
_citation.journal_volume 
_citation.page_first 
_citation.page_last 
_citation.year 
_citation.journal_id_ASTM 
_citation.country 
_citation.journal_id_ISSN 
_citation.journal_id_CSD 
_citation.book_publisher 
_citation.pdbx_database_id_PubMed 
_citation.pdbx_database_id_DOI 
primary 
;Effect of a single 3'-methylene phosphonate linkage on the conformation of an A-DNA octamer double helix.
;
'Nucleic Acids Res.'                 19 427  433  1991 NARHAD UK 0305-1048     0389 ?                           2011517 
10.1093/nar/19.3.427 
1       'Structural Features of G/C-Rich DNA Going A or B'                                                          
'Structure and Methods. DNA and RNA' 3  39   53   1990 ?      ?  0-940030-31-4 0810 'Adenine Press, Albany, NY' ?       ? 
2       'X-Ray Studies of DNA Aiming at Elucidating the Sequence-Structure Code'                                    
'Nucleosides and Nucleotides'        9  349  354  1990 NUNUD5 US 0732-8311     0653 ?                           ?       ? 
3       'X-Ray Crystallographic Studies of the A-Form of DNA'                                                       
'Nucleosides and Nucleotides'        7  699  702  1988 NUNUD5 US 0732-8311     0653 ?                           ?       ? 
4       'Crystal Structure Analysis of an A-DNA Fragment at 1.8 Angstroms Resolution: d(GCCCGGGC)'                  
'Nucleic Acids Res.'                 15 9531 9550 1987 NARHAD UK 0305-1048     0389 ?                           ?       ? 
# 
loop_
_citation_author.citation_id 
_citation_author.name 
_citation_author.ordinal 
_citation_author.identifier_ORCID 
primary 'Heinemann, U.' 1  ? 
primary 'Rudolph, L.N.' 2  ? 
primary 'Alings, C.'    3  ? 
primary 'Morr, M.'      4  ? 
primary 'Heikens, W.'   5  ? 
primary 'Frank, R.'     6  ? 
primary 'Blocker, H.'   7  ? 
1       'Heinemann, U.' 8  ? 
1       'Alings, C.'    9  ? 
1       'Lauble, H.'    10 ? 
2       'Heinemann, U.' 11 ? 
2       'Alings, C.'    12 ? 
2       'Lauble, H.'    13 ? 
3       'Heinemann, U.' 14 ? 
3       'Lauble, H.'    15 ? 
3       'Frank, R.'     16 ? 
3       'Bloecker, H.'  17 ? 
4       'Heinemann, U.' 18 ? 
4       'Lauble, H.'    19 ? 
4       'Frank, R.'     20 ? 
4       'Bloecker, H.'  21 ? 
# 
loop_
_entity.id 
_entity.type 
_entity.src_method 
_entity.pdbx_description 
_entity.formula_weight 
_entity.pdbx_number_of_molecules 
_entity.pdbx_ec 
_entity.pdbx_mutation 
_entity.pdbx_fragment 
_entity.details 
1 polymer man 
;DNA (5'-D(*GP*CP*CP*CP*(G31)P*GP*GP*C)-3')
;
2426.620 1  ? ? ? ? 
2 water   nat water                                        18.015   29 ? ? ? ? 
# 
_entity_poly.entity_id                      1 
_entity_poly.type                           polydeoxyribonucleotide 
_entity_poly.nstd_linkage                   no 
_entity_poly.nstd_monomer                   yes 
_entity_poly.pdbx_seq_one_letter_code       '(DG)(DC)(DC)(DC)(G31)(DG)(DG)(DC)' 
_entity_poly.pdbx_seq_one_letter_code_can   GCCCGGGC 
_entity_poly.pdbx_strand_id                 A 
_entity_poly.pdbx_target_identifier         ? 
# 
_pdbx_entity_nonpoly.entity_id   2 
_pdbx_entity_nonpoly.name        water 
_pdbx_entity_nonpoly.comp_id     HOH 
# 
loop_
_entity_poly_seq.entity_id 
_entity_poly_seq.num 
_entity_poly_seq.mon_id 
_entity_poly_seq.hetero 
1 1 DG  n 
1 2 DC  n 
1 3 DC  n 
1 4 DC  n 
1 5 G31 n 
1 6 DG  n 
1 7 DG  n 
1 8 DC  n 
# 
loop_
_chem_comp.id 
_chem_comp.type 
_chem_comp.mon_nstd_flag 
_chem_comp.name 
_chem_comp.pdbx_synonyms 
_chem_comp.formula 
_chem_comp.formula_weight 
DC  'DNA linking' y "2'-DEOXYCYTIDINE-5'-MONOPHOSPHATE"                ? 'C9 H14 N3 O7 P'  307.197 
DG  'DNA linking' y "2'-DEOXYGUANOSINE-5'-MONOPHOSPHATE"               ? 'C10 H14 N5 O7 P' 347.221 
G31 'DNA linking' n "3'-METHYL-2',3'-DEOXY-GUANOSINE-5'-MONOPHOSPHATE" ? 'C11 H16 N5 O6 P' 345.248 
HOH non-polymer   . WATER                                              ? 'H2 O'            18.015  
# 
loop_
_pdbx_poly_seq_scheme.asym_id 
_pdbx_poly_seq_scheme.entity_id 
_pdbx_poly_seq_scheme.seq_id 
_pdbx_poly_seq_scheme.mon_id 
_pdbx_poly_seq_scheme.ndb_seq_num 
_pdbx_poly_seq_scheme.pdb_seq_num 
_pdbx_poly_seq_scheme.auth_seq_num 
_pdbx_poly_seq_scheme.pdb_mon_id 
_pdbx_poly_seq_scheme.auth_mon_id 
_pdbx_poly_seq_scheme.pdb_strand_id 
_pdbx_poly_seq_scheme.pdb_ins_code 
_pdbx_poly_seq_scheme.hetero 
A 1 1 DG  1 1 1 DG  G  A . n 
A 1 2 DC  2 2 2 DC  C  A . n 
A 1 3 DC  3 3 3 DC  C  A . n 
A 1 4 DC  4 4 4 DC  C  A . n 
A 1 5 G31 5 5 5 G31 +G A . n 
A 1 6 DG  6 6 6 DG  G  A . n 
A 1 7 DG  7 7 7 DG  G  A . n 
A 1 8 DC  8 8 8 DC  C  A . n 
# 
loop_
_pdbx_nonpoly_scheme.asym_id 
_pdbx_nonpoly_scheme.entity_id 
_pdbx_nonpoly_scheme.mon_id 
_pdbx_nonpoly_scheme.ndb_seq_num 
_pdbx_nonpoly_scheme.pdb_seq_num 
_pdbx_nonpoly_scheme.auth_seq_num 
_pdbx_nonpoly_scheme.pdb_mon_id 
_pdbx_nonpoly_scheme.auth_mon_id 
_pdbx_nonpoly_scheme.pdb_strand_id 
_pdbx_nonpoly_scheme.pdb_ins_code 
B 2 HOH 1  9  9  HOH HOH A . 
B 2 HOH 2  10 10 HOH HOH A . 
B 2 HOH 3  11 11 HOH HOH A . 
B 2 HOH 4  12 12 HOH HOH A . 
B 2 HOH 5  13 13 HOH HOH A . 
B 2 HOH 6  14 14 HOH HOH A . 
B 2 HOH 7  15 15 HOH HOH A . 
B 2 HOH 8  16 16 HOH HOH A . 
B 2 HOH 9  17 17 HOH HOH A . 
B 2 HOH 10 18 18 HOH HOH A . 
B 2 HOH 11 19 19 HOH HOH A . 
B 2 HOH 12 20 20 HOH HOH A . 
B 2 HOH 13 21 21 HOH HOH A . 
B 2 HOH 14 22 22 HOH HOH A . 
B 2 HOH 15 23 23 HOH HOH A . 
B 2 HOH 16 24 24 HOH HOH A . 
B 2 HOH 17 25 25 HOH HOH A . 
B 2 HOH 18 26 26 HOH HOH A . 
B 2 HOH 19 27 27 HOH HOH A . 
B 2 HOH 20 28 28 HOH HOH A . 
B 2 HOH 21 29 29 HOH HOH A . 
B 2 HOH 22 30 30 HOH HOH A . 
B 2 HOH 23 31 31 HOH HOH A . 
B 2 HOH 24 32 32 HOH HOH A . 
B 2 HOH 25 33 33 HOH HOH A . 
B 2 HOH 26 34 34 HOH HOH A . 
B 2 HOH 27 35 35 HOH HOH A . 
B 2 HOH 28 36 36 HOH HOH A . 
B 2 HOH 29 37 37 HOH HOH A . 
# 
_software.name             NUCLSQ 
_software.classification   refinement 
_software.version          . 
_software.citation_id      ? 
_software.pdbx_ordinal     1 
# 
_cell.entry_id           1D26 
_cell.length_a           43.300 
_cell.length_b           43.300 
_cell.length_c           24.520 
_cell.angle_alpha        90.00 
_cell.angle_beta         90.00 
_cell.angle_gamma        90.00 
_cell.Z_PDB              8 
_cell.pdbx_unique_axis   ? 
# 
_symmetry.entry_id                         1D26 
_symmetry.space_group_name_H-M             'P 43 21 2' 
_symmetry.pdbx_full_space_group_name_H-M   ? 
_symmetry.cell_setting                     ? 
_symmetry.Int_Tables_number                96 
# 
_exptl.entry_id          1D26 
_exptl.method            'X-RAY DIFFRACTION' 
_exptl.crystals_number   ? 
# 
_exptl_crystal.id                    1 
_exptl_crystal.density_meas          ? 
_exptl_crystal.density_Matthews      2.37 
_exptl_crystal.density_percent_sol   48.06 
_exptl_crystal.description           ? 
# 
_exptl_crystal_grow.crystal_id      1 
_exptl_crystal_grow.method          MICRODIALYSIS 
_exptl_crystal_grow.temp            277.00 
_exptl_crystal_grow.temp_details    ? 
_exptl_crystal_grow.pH              7.00 
_exptl_crystal_grow.pdbx_details    'pH 7.00, MICRODIALYSIS, temperature 277.00K' 
_exptl_crystal_grow.pdbx_pH_range   ? 
# 
loop_
_exptl_crystal_grow_comp.crystal_id 
_exptl_crystal_grow_comp.id 
_exptl_crystal_grow_comp.sol_id 
_exptl_crystal_grow_comp.name 
_exptl_crystal_grow_comp.volume 
_exptl_crystal_grow_comp.conc 
_exptl_crystal_grow_comp.details 
1 1 1 WATER                ? ? ? 
1 2 1 MPD                  ? ? ? 
1 3 1 BIS-TRIS-PROPANE_HCL ? ? ? 
1 4 1 'MG ACETATE'         ? ? ? 
1 5 2 WATER                ? ? ? 
1 6 2 MPD                  ? ? ? 
# 
_diffrn.id                     1 
_diffrn.crystal_id             1 
_diffrn.ambient_temp           ? 
_diffrn.ambient_temp_details   ? 
# 
_diffrn_detector.diffrn_id              1 
_diffrn_detector.detector               'OSCILLATION CAMERA' 
_diffrn_detector.type                   ARNDT-WONACOTT 
_diffrn_detector.pdbx_collection_date   ? 
_diffrn_detector.details                ? 
# 
_diffrn_radiation.diffrn_id                        1 
_diffrn_radiation.wavelength_id                    1 
_diffrn_radiation.pdbx_monochromatic_or_laue_m_l   ? 
_diffrn_radiation.monochromator                    ? 
_diffrn_radiation.pdbx_diffrn_protocol             ? 
_diffrn_radiation.pdbx_scattering_type             x-ray 
# 
_diffrn_radiation_wavelength.id           1 
_diffrn_radiation_wavelength.wavelength   . 
_diffrn_radiation_wavelength.wt           1.0 
# 
_diffrn_source.diffrn_id                   1 
_diffrn_source.source                      SYNCHROTRON 
_diffrn_source.type                        'EMBL/DESY, HAMBURG BEAMLINE X31' 
_diffrn_source.pdbx_synchrotron_site       'EMBL/DESY, HAMBURG' 
_diffrn_source.pdbx_synchrotron_beamline   X31 
_diffrn_source.pdbx_wavelength             ? 
_diffrn_source.pdbx_wavelength_list        ? 
# 
_reflns.entry_id                     1D26 
_reflns.observed_criterion_sigma_I   ? 
_reflns.observed_criterion_sigma_F   1.000 
_reflns.d_resolution_low             6.000 
_reflns.d_resolution_high            2.120 
_reflns.number_obs                   1303 
_reflns.number_all                   ? 
_reflns.percent_possible_obs         ? 
_reflns.pdbx_Rmerge_I_obs            ? 
_reflns.pdbx_Rsym_value              ? 
_reflns.pdbx_netI_over_sigmaI        ? 
_reflns.B_iso_Wilson_estimate        ? 
_reflns.pdbx_redundancy              ? 
_reflns.pdbx_diffrn_id               1 
_reflns.pdbx_ordinal                 1 
# 
_refine.entry_id                                 1D26 
_refine.ls_number_reflns_obs                     1197 
_refine.ls_number_reflns_all                     ? 
_refine.pdbx_ls_sigma_I                          ? 
_refine.pdbx_ls_sigma_F                          3.000 
_refine.pdbx_data_cutoff_high_absF               ? 
_refine.pdbx_data_cutoff_low_absF                ? 
_refine.pdbx_data_cutoff_high_rms_absF           ? 
_refine.ls_d_res_low                             6.000 
_refine.ls_d_res_high                            2.120 
_refine.ls_percent_reflns_obs                    ? 
_refine.ls_R_factor_obs                          0.16 
_refine.ls_R_factor_all                          ? 
_refine.ls_R_factor_R_work                       ? 
_refine.ls_R_factor_R_free                       ? 
_refine.ls_R_factor_R_free_error                 ? 
_refine.ls_R_factor_R_free_error_details         ? 
_refine.ls_percent_reflns_R_free                 ? 
_refine.ls_number_reflns_R_free                  ? 
_refine.ls_number_parameters                     ? 
_refine.ls_number_restraints                     ? 
_refine.occupancy_min                            ? 
_refine.occupancy_max                            ? 
_refine.B_iso_mean                               ? 
_refine.aniso_B[1][1]                            ? 
_refine.aniso_B[2][2]                            ? 
_refine.aniso_B[3][3]                            ? 
_refine.aniso_B[1][2]                            ? 
_refine.aniso_B[1][3]                            ? 
_refine.aniso_B[2][3]                            ? 
_refine.solvent_model_details                    ? 
_refine.solvent_model_param_ksol                 ? 
_refine.solvent_model_param_bsol                 ? 
_refine.pdbx_ls_cross_valid_method               ? 
_refine.details                                  ? 
_refine.pdbx_starting_model                      ? 
_refine.pdbx_method_to_determine_struct          ? 
_refine.pdbx_isotropic_thermal_model             ? 
_refine.pdbx_stereochemistry_target_values       ? 
_refine.pdbx_stereochem_target_val_spec_case     ? 
_refine.pdbx_R_Free_selection_details            ? 
_refine.pdbx_overall_ESU_R                       ? 
_refine.pdbx_overall_ESU_R_Free                  ? 
_refine.overall_SU_ML                            ? 
_refine.overall_SU_B                             ? 
_refine.pdbx_refine_id                           'X-RAY DIFFRACTION' 
_refine.pdbx_diffrn_id                           1 
_refine.pdbx_TLS_residual_ADP_flag               ? 
_refine.correlation_coeff_Fo_to_Fc               ? 
_refine.correlation_coeff_Fo_to_Fc_free          ? 
_refine.pdbx_solvent_vdw_probe_radii             ? 
_refine.pdbx_solvent_ion_probe_radii             ? 
_refine.pdbx_solvent_shrinkage_radii             ? 
_refine.pdbx_overall_phase_error                 ? 
_refine.overall_SU_R_Cruickshank_DPI             ? 
_refine.pdbx_overall_SU_R_free_Cruickshank_DPI   ? 
_refine.pdbx_overall_SU_R_Blow_DPI               ? 
_refine.pdbx_overall_SU_R_free_Blow_DPI          ? 
# 
_refine_hist.pdbx_refine_id                   'X-RAY DIFFRACTION' 
_refine_hist.cycle_id                         LAST 
_refine_hist.pdbx_number_atoms_protein        0 
_refine_hist.pdbx_number_atoms_nucleic_acid   160 
_refine_hist.pdbx_number_atoms_ligand         1 
_refine_hist.number_atoms_solvent             29 
_refine_hist.number_atoms_total               190 
_refine_hist.d_res_high                       2.120 
_refine_hist.d_res_low                        6.000 
# 
loop_
_refine_ls_restr.type 
_refine_ls_restr.dev_ideal 
_refine_ls_restr.dev_ideal_target 
_refine_ls_restr.weight 
_refine_ls_restr.number 
_refine_ls_restr.pdbx_refine_id 
_refine_ls_restr.pdbx_restraint_function 
n_bond_d               ?     ?     ? ? 'X-RAY DIFFRACTION' ? 
n_angle_d              ?     ?     ? ? 'X-RAY DIFFRACTION' ? 
n_planar_d             ?     ?     ? ? 'X-RAY DIFFRACTION' ? 
n_hb_or_metal_coord    ?     ?     ? ? 'X-RAY DIFFRACTION' ? 
n_sugar_bond_it        3.130 5.000 ? ? 'X-RAY DIFFRACTION' ? 
n_sugar_angle_it       3.920 6.500 ? ? 'X-RAY DIFFRACTION' ? 
n_phos_bond_it         4.810 7.500 ? ? 'X-RAY DIFFRACTION' ? 
n_phos_angle_it        4.370 7.500 ? ? 'X-RAY DIFFRACTION' ? 
n_bond_angle_restr     ?     ?     ? ? 'X-RAY DIFFRACTION' ? 
n_dihedral_angle_restr ?     ?     ? ? 'X-RAY DIFFRACTION' ? 
n_impr_tor             ?     ?     ? ? 'X-RAY DIFFRACTION' ? 
n_sugar_bond_d         0.015 0.025 ? ? 'X-RAY DIFFRACTION' ? 
n_sugar_bond_angle_d   0.035 0.050 ? ? 'X-RAY DIFFRACTION' ? 
n_phos_bond_d          0.055 0.050 ? ? 'X-RAY DIFFRACTION' ? 
n_phos_bond_angle_d    0.074 0.075 ? ? 'X-RAY DIFFRACTION' ? 
n_plane_restr          0.020 0.030 ? ? 'X-RAY DIFFRACTION' ? 
n_chiral_restr         0.072 0.100 ? ? 'X-RAY DIFFRACTION' ? 
n_singtor_nbd          0.132 0.250 ? ? 'X-RAY DIFFRACTION' ? 
n_multtor_nbd          0.208 0.250 ? ? 'X-RAY DIFFRACTION' ? 
n_xhyhbond_nbd         ?     ?     ? ? 'X-RAY DIFFRACTION' ? 
# 
_struct.entry_id                  1D26 
_struct.title                     
;EFFECT OF A SINGLE 3'-METHYLENE PHOSPHONATE LINKAGE ON THE CONFORMATION OF AN A-DNA OCTAMER DOUBLE HELIX
;
_struct.pdbx_model_details        ? 
_struct.pdbx_CASP_flag            ? 
_struct.pdbx_model_type_details   ? 
# 
_struct_keywords.entry_id        1D26 
_struct_keywords.pdbx_keywords   DNA 
_struct_keywords.text            'A-DNA, DOUBLE HELIX, MODIFIED, DNA' 
# 
loop_
_struct_asym.id 
_struct_asym.pdbx_blank_PDB_chainid_flag 
_struct_asym.pdbx_modified 
_struct_asym.entity_id 
_struct_asym.details 
A N N 1 ? 
B N N 2 ? 
# 
_struct_ref.id                         1 
_struct_ref.entity_id                  1 
_struct_ref.db_name                    PDB 
_struct_ref.db_code                    1D26 
_struct_ref.pdbx_db_accession          1D26 
_struct_ref.pdbx_db_isoform            ? 
_struct_ref.pdbx_seq_one_letter_code   ? 
_struct_ref.pdbx_align_begin           ? 
# 
_struct_ref_seq.align_id                      1 
_struct_ref_seq.ref_id                        1 
_struct_ref_seq.pdbx_PDB_id_code              1D26 
_struct_ref_seq.pdbx_strand_id                A 
_struct_ref_seq.seq_align_beg                 1 
_struct_ref_seq.pdbx_seq_align_beg_ins_code   ? 
_struct_ref_seq.seq_align_end                 8 
_struct_ref_seq.pdbx_seq_align_end_ins_code   ? 
_struct_ref_seq.pdbx_db_accession             1D26 
_struct_ref_seq.db_align_beg                  1 
_struct_ref_seq.pdbx_db_align_beg_ins_code    ? 
_struct_ref_seq.db_align_end                  8 
_struct_ref_seq.pdbx_db_align_end_ins_code    ? 
_struct_ref_seq.pdbx_auth_seq_align_beg       1 
_struct_ref_seq.pdbx_auth_seq_align_end       8 
# 
_pdbx_struct_assembly.id                   1 
_pdbx_struct_assembly.details              author_defined_assembly 
_pdbx_struct_assembly.method_details       ? 
_pdbx_struct_assembly.oligomeric_details   dimeric 
_pdbx_struct_assembly.oligomeric_count     2 
# 
_pdbx_struct_assembly_gen.assembly_id       1 
_pdbx_struct_assembly_gen.oper_expression   1,2 
_pdbx_struct_assembly_gen.asym_id_list      A,B 
# 
loop_
_pdbx_struct_oper_list.id 
_pdbx_struct_oper_list.type 
_pdbx_struct_oper_list.name 
_pdbx_struct_oper_list.symmetry_operation 
_pdbx_struct_oper_list.matrix[1][1] 
_pdbx_struct_oper_list.matrix[1][2] 
_pdbx_struct_oper_list.matrix[1][3] 
_pdbx_struct_oper_list.vector[1] 
_pdbx_struct_oper_list.matrix[2][1] 
_pdbx_struct_oper_list.matrix[2][2] 
_pdbx_struct_oper_list.matrix[2][3] 
_pdbx_struct_oper_list.vector[2] 
_pdbx_struct_oper_list.matrix[3][1] 
_pdbx_struct_oper_list.matrix[3][2] 
_pdbx_struct_oper_list.matrix[3][3] 
_pdbx_struct_oper_list.vector[3] 
1 'identity operation'         1_555 x,y,z    1.0000000000  0.0000000000  0.0000000000  0.0000000000  0.0000000000  1.0000000000  0.0000000000 0.0000000000 0.0000000000  0.0000000000 1.0000000000 0.0000000000  
2 'crystal symmetry operation' 7_556 y,x,-z+1 -0.6983025666 -0.0991471836 -0.7089029281 -2.6432794281 -0.0991471836 -0.9674171441 0.2329676058 3.7455920516 -0.7089029281 0.2329676058 0.6657197107 -1.6487948852 
# 
_struct_biol.id   1 
# 
loop_
_struct_conn.id 
_struct_conn.conn_type_id 
_struct_conn.pdbx_leaving_atom_flag 
_struct_conn.pdbx_PDB_id 
_struct_conn.ptnr1_label_asym_id 
_struct_conn.ptnr1_label_comp_id 
_struct_conn.ptnr1_label_seq_id 
_struct_conn.ptnr1_label_atom_id 
_struct_conn.pdbx_ptnr1_label_alt_id 
_struct_conn.pdbx_ptnr1_PDB_ins_code 
_struct_conn.pdbx_ptnr1_standard_comp_id 
_struct_conn.ptnr1_symmetry 
_struct_conn.ptnr2_label_asym_id 
_struct_conn.ptnr2_label_comp_id 
_struct_conn.ptnr2_label_seq_id 
_struct_conn.ptnr2_label_atom_id 
_struct_conn.pdbx_ptnr2_label_alt_id 
_struct_conn.pdbx_ptnr2_PDB_ins_code 
_struct_conn.ptnr1_auth_asym_id 
_struct_conn.ptnr1_auth_comp_id 
_struct_conn.ptnr1_auth_seq_id 
_struct_conn.ptnr2_auth_asym_id 
_struct_conn.ptnr2_auth_comp_id 
_struct_conn.ptnr2_auth_seq_id 
_struct_conn.ptnr2_symmetry 
_struct_conn.pdbx_ptnr3_label_atom_id 
_struct_conn.pdbx_ptnr3_label_seq_id 
_struct_conn.pdbx_ptnr3_label_comp_id 
_struct_conn.pdbx_ptnr3_label_asym_id 
_struct_conn.pdbx_ptnr3_label_alt_id 
_struct_conn.pdbx_ptnr3_PDB_ins_code 
_struct_conn.details 
_struct_conn.pdbx_dist_value 
_struct_conn.pdbx_value_order 
_struct_conn.pdbx_role 
covale1  covale both ? A DC  4 "O3'" ? ? ? 1_555 A G31 5 P  ? ? A DC  4 A G31 5 1_555 ? ? ? ? ? ? ?            1.633 ? ? 
covale2  covale one  ? A G31 5 C3M   ? ? ? 1_555 A DG  6 P  ? ? A G31 5 A DG  6 1_555 ? ? ? ? ? ? ?            1.826 ? ? 
hydrog1  hydrog ?    ? A DG  1 N1    ? ? ? 1_555 A DC  8 N3 ? ? A DG  1 A DC  8 7_556 ? ? ? ? ? ? WATSON-CRICK ?     ? ? 
hydrog2  hydrog ?    ? A DG  1 N2    ? ? ? 1_555 A DC  8 O2 ? ? A DG  1 A DC  8 7_556 ? ? ? ? ? ? WATSON-CRICK ?     ? ? 
hydrog3  hydrog ?    ? A DG  1 O6    ? ? ? 1_555 A DC  8 N4 ? ? A DG  1 A DC  8 7_556 ? ? ? ? ? ? WATSON-CRICK ?     ? ? 
hydrog4  hydrog ?    ? A DC  2 N3    ? ? ? 1_555 A DG  7 N1 ? ? A DC  2 A DG  7 7_556 ? ? ? ? ? ? WATSON-CRICK ?     ? ? 
hydrog5  hydrog ?    ? A DC  2 N4    ? ? ? 1_555 A DG  7 O6 ? ? A DC  2 A DG  7 7_556 ? ? ? ? ? ? WATSON-CRICK ?     ? ? 
hydrog6  hydrog ?    ? A DC  2 O2    ? ? ? 1_555 A DG  7 N2 ? ? A DC  2 A DG  7 7_556 ? ? ? ? ? ? WATSON-CRICK ?     ? ? 
hydrog7  hydrog ?    ? A DC  3 N3    ? ? ? 1_555 A DG  6 N1 ? ? A DC  3 A DG  6 7_556 ? ? ? ? ? ? WATSON-CRICK ?     ? ? 
hydrog8  hydrog ?    ? A DC  3 N4    ? ? ? 1_555 A DG  6 O6 ? ? A DC  3 A DG  6 7_556 ? ? ? ? ? ? WATSON-CRICK ?     ? ? 
hydrog9  hydrog ?    ? A DC  3 O2    ? ? ? 1_555 A DG  6 N2 ? ? A DC  3 A DG  6 7_556 ? ? ? ? ? ? WATSON-CRICK ?     ? ? 
hydrog10 hydrog ?    ? A DC  4 N3    ? ? ? 1_555 A G31 5 N1 ? ? A DC  4 A G31 5 7_556 ? ? ? ? ? ? WATSON-CRICK ?     ? ? 
hydrog11 hydrog ?    ? A DC  4 N4    ? ? ? 1_555 A G31 5 O6 ? ? A DC  4 A G31 5 7_556 ? ? ? ? ? ? WATSON-CRICK ?     ? ? 
hydrog12 hydrog ?    ? A DC  4 O2    ? ? ? 1_555 A G31 5 N2 ? ? A DC  4 A G31 5 7_556 ? ? ? ? ? ? WATSON-CRICK ?     ? ? 
hydrog13 hydrog ?    ? A G31 5 N1    ? ? ? 1_555 A DC  4 N3 ? ? A G31 5 A DC  4 7_556 ? ? ? ? ? ? WATSON-CRICK ?     ? ? 
hydrog14 hydrog ?    ? A G31 5 N2    ? ? ? 1_555 A DC  4 O2 ? ? A G31 5 A DC  4 7_556 ? ? ? ? ? ? WATSON-CRICK ?     ? ? 
hydrog15 hydrog ?    ? A G31 5 O6    ? ? ? 1_555 A DC  4 N4 ? ? A G31 5 A DC  4 7_556 ? ? ? ? ? ? WATSON-CRICK ?     ? ? 
hydrog16 hydrog ?    ? A DG  6 N1    ? ? ? 1_555 A DC  3 N3 ? ? A DG  6 A DC  3 7_556 ? ? ? ? ? ? WATSON-CRICK ?     ? ? 
hydrog17 hydrog ?    ? A DG  6 N2    ? ? ? 1_555 A DC  3 O2 ? ? A DG  6 A DC  3 7_556 ? ? ? ? ? ? WATSON-CRICK ?     ? ? 
hydrog18 hydrog ?    ? A DG  6 O6    ? ? ? 1_555 A DC  3 N4 ? ? A DG  6 A DC  3 7_556 ? ? ? ? ? ? WATSON-CRICK ?     ? ? 
hydrog19 hydrog ?    ? A DG  7 N1    ? ? ? 1_555 A DC  2 N3 ? ? A DG  7 A DC  2 7_556 ? ? ? ? ? ? WATSON-CRICK ?     ? ? 
hydrog20 hydrog ?    ? A DG  7 N2    ? ? ? 1_555 A DC  2 O2 ? ? A DG  7 A DC  2 7_556 ? ? ? ? ? ? WATSON-CRICK ?     ? ? 
hydrog21 hydrog ?    ? A DG  7 O6    ? ? ? 1_555 A DC  2 N4 ? ? A DG  7 A DC  2 7_556 ? ? ? ? ? ? WATSON-CRICK ?     ? ? 
hydrog22 hydrog ?    ? A DC  8 N3    ? ? ? 1_555 A DG  1 N1 ? ? A DC  8 A DG  1 7_556 ? ? ? ? ? ? WATSON-CRICK ?     ? ? 
hydrog23 hydrog ?    ? A DC  8 N4    ? ? ? 1_555 A DG  1 O6 ? ? A DC  8 A DG  1 7_556 ? ? ? ? ? ? WATSON-CRICK ?     ? ? 
hydrog24 hydrog ?    ? A DC  8 O2    ? ? ? 1_555 A DG  1 N2 ? ? A DC  8 A DG  1 7_556 ? ? ? ? ? ? WATSON-CRICK ?     ? ? 
# 
loop_
_struct_conn_type.id 
_struct_conn_type.criteria 
_struct_conn_type.reference 
covale ? ? 
hydrog ? ? 
# 
_pdbx_validate_rmsd_bond.id                        1 
_pdbx_validate_rmsd_bond.PDB_model_num             1 
_pdbx_validate_rmsd_bond.auth_atom_id_1            P 
_pdbx_validate_rmsd_bond.auth_asym_id_1            A 
_pdbx_validate_rmsd_bond.auth_comp_id_1            DG 
_pdbx_validate_rmsd_bond.auth_seq_id_1             6 
_pdbx_validate_rmsd_bond.PDB_ins_code_1            ? 
_pdbx_validate_rmsd_bond.label_alt_id_1            ? 
_pdbx_validate_rmsd_bond.auth_atom_id_2            OP1 
_pdbx_validate_rmsd_bond.auth_asym_id_2            A 
_pdbx_validate_rmsd_bond.auth_comp_id_2            DG 
_pdbx_validate_rmsd_bond.auth_seq_id_2             6 
_pdbx_validate_rmsd_bond.PDB_ins_code_2            ? 
_pdbx_validate_rmsd_bond.label_alt_id_2            ? 
_pdbx_validate_rmsd_bond.bond_value                1.369 
_pdbx_validate_rmsd_bond.bond_target_value         1.485 
_pdbx_validate_rmsd_bond.bond_deviation            -0.116 
_pdbx_validate_rmsd_bond.bond_standard_deviation   0.017 
_pdbx_validate_rmsd_bond.linker_flag               N 
# 
loop_
_pdbx_validate_rmsd_angle.id 
_pdbx_validate_rmsd_angle.PDB_model_num 
_pdbx_validate_rmsd_angle.auth_atom_id_1 
_pdbx_validate_rmsd_angle.auth_asym_id_1 
_pdbx_validate_rmsd_angle.auth_comp_id_1 
_pdbx_validate_rmsd_angle.auth_seq_id_1 
_pdbx_validate_rmsd_angle.PDB_ins_code_1 
_pdbx_validate_rmsd_angle.label_alt_id_1 
_pdbx_validate_rmsd_angle.auth_atom_id_2 
_pdbx_validate_rmsd_angle.auth_asym_id_2 
_pdbx_validate_rmsd_angle.auth_comp_id_2 
_pdbx_validate_rmsd_angle.auth_seq_id_2 
_pdbx_validate_rmsd_angle.PDB_ins_code_2 
_pdbx_validate_rmsd_angle.label_alt_id_2 
_pdbx_validate_rmsd_angle.auth_atom_id_3 
_pdbx_validate_rmsd_angle.auth_asym_id_3 
_pdbx_validate_rmsd_angle.auth_comp_id_3 
_pdbx_validate_rmsd_angle.auth_seq_id_3 
_pdbx_validate_rmsd_angle.PDB_ins_code_3 
_pdbx_validate_rmsd_angle.label_alt_id_3 
_pdbx_validate_rmsd_angle.angle_value 
_pdbx_validate_rmsd_angle.angle_target_value 
_pdbx_validate_rmsd_angle.angle_deviation 
_pdbx_validate_rmsd_angle.angle_standard_deviation 
_pdbx_validate_rmsd_angle.linker_flag 
1  1 "O5'" A DG 1 ? ? "C5'" A DG 1 ? ? "C4'" A DG 1 ? ? 104.51 109.40 -4.89  0.80 N 
2  1 OP1   A DC 2 ? ? P     A DC 2 ? ? OP2   A DC 2 ? ? 99.12  119.60 -20.48 1.50 N 
3  1 "O5'" A DC 2 ? ? P     A DC 2 ? ? OP1   A DC 2 ? ? 137.20 110.70 26.50  1.20 N 
4  1 N3    A DC 2 ? ? C4    A DC 2 ? ? C5    A DC 2 ? ? 119.11 121.90 -2.79  0.40 N 
5  1 "C3'" A DC 2 ? ? "O3'" A DC 2 ? ? P     A DC 3 ? ? 130.33 119.70 10.63  1.20 Y 
6  1 OP1   A DC 3 ? ? P     A DC 3 ? ? OP2   A DC 3 ? ? 105.87 119.60 -13.73 1.50 N 
7  1 "O5'" A DC 3 ? ? P     A DC 3 ? ? OP1   A DC 3 ? ? 130.19 110.70 19.49  1.20 N 
8  1 "O5'" A DC 3 ? ? "C5'" A DC 3 ? ? "C4'" A DC 3 ? ? 100.29 109.40 -9.11  0.80 N 
9  1 "O4'" A DC 3 ? ? "C1'" A DC 3 ? ? N1    A DC 3 ? ? 112.37 108.30 4.07   0.30 N 
10 1 "C3'" A DC 3 ? ? "O3'" A DC 3 ? ? P     A DC 4 ? ? 128.23 119.70 8.53   1.20 Y 
11 1 "O3'" A DC 3 ? ? P     A DC 4 ? ? "O5'" A DC 4 ? ? 120.56 104.00 16.56  1.90 Y 
12 1 "O4'" A DC 4 ? ? "C1'" A DC 4 ? ? N1    A DC 4 ? ? 111.37 108.30 3.07   0.30 N 
13 1 "O5'" A DG 6 ? ? "C5'" A DG 6 ? ? "C4'" A DG 6 ? ? 102.69 109.40 -6.71  0.80 N 
14 1 "C5'" A DG 6 ? ? "C4'" A DG 6 ? ? "O4'" A DG 6 ? ? 117.44 109.80 7.64   1.10 N 
15 1 "O4'" A DG 6 ? ? "C1'" A DG 6 ? ? "C2'" A DG 6 ? ? 110.42 106.80 3.62   0.50 N 
16 1 N1    A DG 6 ? ? C6    A DG 6 ? ? O6    A DG 6 ? ? 114.36 119.90 -5.54  0.60 N 
17 1 C5    A DG 6 ? ? C6    A DG 6 ? ? O6    A DG 6 ? ? 132.59 128.60 3.99   0.60 N 
18 1 "C3'" A DG 6 ? ? "O3'" A DG 6 ? ? P     A DG 7 ? ? 126.94 119.70 7.24   1.20 Y 
19 1 C2    A DG 7 ? ? N3    A DG 7 ? ? C4    A DG 7 ? ? 116.69 111.90 4.79   0.50 N 
20 1 N3    A DG 7 ? ? C4    A DG 7 ? ? C5    A DG 7 ? ? 125.53 128.60 -3.07  0.50 N 
21 1 C5    A DG 7 ? ? C6    A DG 7 ? ? N1    A DG 7 ? ? 114.58 111.50 3.08   0.50 N 
22 1 C4    A DG 7 ? ? C5    A DG 7 ? ? N7    A DG 7 ? ? 108.39 110.80 -2.41  0.40 N 
23 1 N1    A DG 7 ? ? C2    A DG 7 ? ? N2    A DG 7 ? ? 124.38 116.20 8.18   0.90 N 
24 1 N3    A DG 7 ? ? C2    A DG 7 ? ? N2    A DG 7 ? ? 113.72 119.90 -6.18  0.70 N 
25 1 "O4'" A DC 8 ? ? "C1'" A DC 8 ? ? "C2'" A DC 8 ? ? 110.57 106.80 3.77   0.50 N 
# 
_pdbx_struct_mod_residue.id               1 
_pdbx_struct_mod_residue.label_asym_id    A 
_pdbx_struct_mod_residue.label_comp_id    G31 
_pdbx_struct_mod_residue.label_seq_id     5 
_pdbx_struct_mod_residue.auth_asym_id     A 
_pdbx_struct_mod_residue.auth_comp_id     G31 
_pdbx_struct_mod_residue.auth_seq_id      5 
_pdbx_struct_mod_residue.PDB_ins_code     ? 
_pdbx_struct_mod_residue.parent_comp_id   DG 
_pdbx_struct_mod_residue.details          ? 
# 
loop_
_refine_B_iso.class 
_refine_B_iso.details 
_refine_B_iso.treatment 
_refine_B_iso.pdbx_refine_id 
'ALL ATOMS'  TR isotropic 'X-RAY DIFFRACTION' 
'ALL WATERS' TR isotropic 'X-RAY DIFFRACTION' 
# 
loop_
_refine_occupancy.class 
_refine_occupancy.treatment 
_refine_occupancy.pdbx_refine_id 
'ALL ATOMS'  fix 'X-RAY DIFFRACTION' 
'ALL WATERS' fix 'X-RAY DIFFRACTION' 
# 
loop_
_chem_comp_atom.comp_id 
_chem_comp_atom.atom_id 
_chem_comp_atom.type_symbol 
_chem_comp_atom.pdbx_aromatic_flag 
_chem_comp_atom.pdbx_stereo_config 
_chem_comp_atom.pdbx_ordinal 
DC  OP3    O N N 1   
DC  P      P N N 2   
DC  OP1    O N N 3   
DC  OP2    O N N 4   
DC  "O5'"  O N N 5   
DC  "C5'"  C N N 6   
DC  "C4'"  C N R 7   
DC  "O4'"  O N N 8   
DC  "C3'"  C N S 9   
DC  "O3'"  O N N 10  
DC  "C2'"  C N N 11  
DC  "C1'"  C N R 12  
DC  N1     N N N 13  
DC  C2     C N N 14  
DC  O2     O N N 15  
DC  N3     N N N 16  
DC  C4     C N N 17  
DC  N4     N N N 18  
DC  C5     C N N 19  
DC  C6     C N N 20  
DC  HOP3   H N N 21  
DC  HOP2   H N N 22  
DC  "H5'"  H N N 23  
DC  "H5''" H N N 24  
DC  "H4'"  H N N 25  
DC  "H3'"  H N N 26  
DC  "HO3'" H N N 27  
DC  "H2'"  H N N 28  
DC  "H2''" H N N 29  
DC  "H1'"  H N N 30  
DC  H41    H N N 31  
DC  H42    H N N 32  
DC  H5     H N N 33  
DC  H6     H N N 34  
DG  OP3    O N N 35  
DG  P      P N N 36  
DG  OP1    O N N 37  
DG  OP2    O N N 38  
DG  "O5'"  O N N 39  
DG  "C5'"  C N N 40  
DG  "C4'"  C N R 41  
DG  "O4'"  O N N 42  
DG  "C3'"  C N S 43  
DG  "O3'"  O N N 44  
DG  "C2'"  C N N 45  
DG  "C1'"  C N R 46  
DG  N9     N Y N 47  
DG  C8     C Y N 48  
DG  N7     N Y N 49  
DG  C5     C Y N 50  
DG  C6     C N N 51  
DG  O6     O N N 52  
DG  N1     N N N 53  
DG  C2     C N N 54  
DG  N2     N N N 55  
DG  N3     N N N 56  
DG  C4     C Y N 57  
DG  HOP3   H N N 58  
DG  HOP2   H N N 59  
DG  "H5'"  H N N 60  
DG  "H5''" H N N 61  
DG  "H4'"  H N N 62  
DG  "H3'"  H N N 63  
DG  "HO3'" H N N 64  
DG  "H2'"  H N N 65  
DG  "H2''" H N N 66  
DG  "H1'"  H N N 67  
DG  H8     H N N 68  
DG  H1     H N N 69  
DG  H21    H N N 70  
DG  H22    H N N 71  
G31 O3P    O N N 72  
G31 P      P N N 73  
G31 O1P    O N N 74  
G31 O2P    O N N 75  
G31 "O5'"  O N N 76  
G31 "C5'"  C N N 77  
G31 "C4'"  C N S 78  
G31 "O4'"  O N N 79  
G31 "C3'"  C N S 80  
G31 "C2'"  C N N 81  
G31 "C1'"  C N R 82  
G31 N9     N Y N 83  
G31 C8     C Y N 84  
G31 N7     N Y N 85  
G31 C5     C Y N 86  
G31 C6     C N N 87  
G31 O6     O N N 88  
G31 N1     N N N 89  
G31 C2     C N N 90  
G31 N2     N N N 91  
G31 N3     N N N 92  
G31 C4     C Y N 93  
G31 C3M    C N N 94  
G31 H1P    H N N 95  
G31 H2P    H N N 96  
G31 "H5'1" H N N 97  
G31 "H5'2" H N N 98  
G31 "H4'"  H N N 99  
G31 "H3'"  H N N 100 
G31 "H2'1" H N N 101 
G31 "H2'2" H N N 102 
G31 "H1'"  H N N 103 
G31 H8     H N N 104 
G31 H1     H N N 105 
G31 H2N1   H N N 106 
G31 H2N2   H N N 107 
G31 H3M1   H N N 108 
G31 H3M2   H N N 109 
G31 H3M3   H N N 110 
HOH O      O N N 111 
HOH H1     H N N 112 
HOH H2     H N N 113 
# 
loop_
_chem_comp_bond.comp_id 
_chem_comp_bond.atom_id_1 
_chem_comp_bond.atom_id_2 
_chem_comp_bond.value_order 
_chem_comp_bond.pdbx_aromatic_flag 
_chem_comp_bond.pdbx_stereo_config 
_chem_comp_bond.pdbx_ordinal 
DC  OP3   P      sing N N 1   
DC  OP3   HOP3   sing N N 2   
DC  P     OP1    doub N N 3   
DC  P     OP2    sing N N 4   
DC  P     "O5'"  sing N N 5   
DC  OP2   HOP2   sing N N 6   
DC  "O5'" "C5'"  sing N N 7   
DC  "C5'" "C4'"  sing N N 8   
DC  "C5'" "H5'"  sing N N 9   
DC  "C5'" "H5''" sing N N 10  
DC  "C4'" "O4'"  sing N N 11  
DC  "C4'" "C3'"  sing N N 12  
DC  "C4'" "H4'"  sing N N 13  
DC  "O4'" "C1'"  sing N N 14  
DC  "C3'" "O3'"  sing N N 15  
DC  "C3'" "C2'"  sing N N 16  
DC  "C3'" "H3'"  sing N N 17  
DC  "O3'" "HO3'" sing N N 18  
DC  "C2'" "C1'"  sing N N 19  
DC  "C2'" "H2'"  sing N N 20  
DC  "C2'" "H2''" sing N N 21  
DC  "C1'" N1     sing N N 22  
DC  "C1'" "H1'"  sing N N 23  
DC  N1    C2     sing N N 24  
DC  N1    C6     sing N N 25  
DC  C2    O2     doub N N 26  
DC  C2    N3     sing N N 27  
DC  N3    C4     doub N N 28  
DC  C4    N4     sing N N 29  
DC  C4    C5     sing N N 30  
DC  N4    H41    sing N N 31  
DC  N4    H42    sing N N 32  
DC  C5    C6     doub N N 33  
DC  C5    H5     sing N N 34  
DC  C6    H6     sing N N 35  
DG  OP3   P      sing N N 36  
DG  OP3   HOP3   sing N N 37  
DG  P     OP1    doub N N 38  
DG  P     OP2    sing N N 39  
DG  P     "O5'"  sing N N 40  
DG  OP2   HOP2   sing N N 41  
DG  "O5'" "C5'"  sing N N 42  
DG  "C5'" "C4'"  sing N N 43  
DG  "C5'" "H5'"  sing N N 44  
DG  "C5'" "H5''" sing N N 45  
DG  "C4'" "O4'"  sing N N 46  
DG  "C4'" "C3'"  sing N N 47  
DG  "C4'" "H4'"  sing N N 48  
DG  "O4'" "C1'"  sing N N 49  
DG  "C3'" "O3'"  sing N N 50  
DG  "C3'" "C2'"  sing N N 51  
DG  "C3'" "H3'"  sing N N 52  
DG  "O3'" "HO3'" sing N N 53  
DG  "C2'" "C1'"  sing N N 54  
DG  "C2'" "H2'"  sing N N 55  
DG  "C2'" "H2''" sing N N 56  
DG  "C1'" N9     sing N N 57  
DG  "C1'" "H1'"  sing N N 58  
DG  N9    C8     sing Y N 59  
DG  N9    C4     sing Y N 60  
DG  C8    N7     doub Y N 61  
DG  C8    H8     sing N N 62  
DG  N7    C5     sing Y N 63  
DG  C5    C6     sing N N 64  
DG  C5    C4     doub Y N 65  
DG  C6    O6     doub N N 66  
DG  C6    N1     sing N N 67  
DG  N1    C2     sing N N 68  
DG  N1    H1     sing N N 69  
DG  C2    N2     sing N N 70  
DG  C2    N3     doub N N 71  
DG  N2    H21    sing N N 72  
DG  N2    H22    sing N N 73  
DG  N3    C4     sing N N 74  
G31 O3P   P      doub N N 75  
G31 P     O1P    sing N N 76  
G31 P     O2P    sing N N 77  
G31 P     "O5'"  sing N N 78  
G31 O1P   H1P    sing N N 79  
G31 O2P   H2P    sing N N 80  
G31 "O5'" "C5'"  sing N N 81  
G31 "C5'" "C4'"  sing N N 82  
G31 "C5'" "H5'1" sing N N 83  
G31 "C5'" "H5'2" sing N N 84  
G31 "C4'" "O4'"  sing N N 85  
G31 "C4'" "C3'"  sing N N 86  
G31 "C4'" "H4'"  sing N N 87  
G31 "O4'" "C1'"  sing N N 88  
G31 "C3'" "C2'"  sing N N 89  
G31 "C3'" C3M    sing N N 90  
G31 "C3'" "H3'"  sing N N 91  
G31 "C2'" "C1'"  sing N N 92  
G31 "C2'" "H2'1" sing N N 93  
G31 "C2'" "H2'2" sing N N 94  
G31 "C1'" N9     sing N N 95  
G31 "C1'" "H1'"  sing N N 96  
G31 N9    C8     sing Y N 97  
G31 N9    C4     sing Y N 98  
G31 C8    N7     doub Y N 99  
G31 C8    H8     sing N N 100 
G31 N7    C5     sing Y N 101 
G31 C5    C6     sing N N 102 
G31 C5    C4     doub Y N 103 
G31 C6    O6     doub N N 104 
G31 C6    N1     sing N N 105 
G31 N1    C2     sing N N 106 
G31 N1    H1     sing N N 107 
G31 C2    N2     sing N N 108 
G31 C2    N3     doub N N 109 
G31 N2    H2N1   sing N N 110 
G31 N2    H2N2   sing N N 111 
G31 N3    C4     sing N N 112 
G31 C3M   H3M1   sing N N 113 
G31 C3M   H3M2   sing N N 114 
G31 C3M   H3M3   sing N N 115 
HOH O     H1     sing N N 116 
HOH O     H2     sing N N 117 
# 
_ndb_struct_conf_na.entry_id   1D26 
_ndb_struct_conf_na.feature    'a-form double helix' 
# 
loop_
_ndb_struct_na_base_pair.model_number 
_ndb_struct_na_base_pair.i_label_asym_id 
_ndb_struct_na_base_pair.i_label_comp_id 
_ndb_struct_na_base_pair.i_label_seq_id 
_ndb_struct_na_base_pair.i_symmetry 
_ndb_struct_na_base_pair.j_label_asym_id 
_ndb_struct_na_base_pair.j_label_comp_id 
_ndb_struct_na_base_pair.j_label_seq_id 
_ndb_struct_na_base_pair.j_symmetry 
_ndb_struct_na_base_pair.shear 
_ndb_struct_na_base_pair.stretch 
_ndb_struct_na_base_pair.stagger 
_ndb_struct_na_base_pair.buckle 
_ndb_struct_na_base_pair.propeller 
_ndb_struct_na_base_pair.opening 
_ndb_struct_na_base_pair.pair_number 
_ndb_struct_na_base_pair.pair_name 
_ndb_struct_na_base_pair.i_auth_asym_id 
_ndb_struct_na_base_pair.i_auth_seq_id 
_ndb_struct_na_base_pair.i_PDB_ins_code 
_ndb_struct_na_base_pair.j_auth_asym_id 
_ndb_struct_na_base_pair.j_auth_seq_id 
_ndb_struct_na_base_pair.j_PDB_ins_code 
_ndb_struct_na_base_pair.hbond_type_28 
_ndb_struct_na_base_pair.hbond_type_12 
1 A DG  1 1_555 A DC  8 7_556 -0.271 -0.193 0.195  0.881   -6.088  -3.866 1 A_DG1:DC8_A  A 1 ? A 8 ? 19 1 
1 A DC  2 1_555 A DG  7 7_556 0.265  -0.117 -0.072 10.328  -12.927 1.787  2 A_DC2:DG7_A  A 2 ? A 7 ? 19 1 
1 A DC  3 1_555 A DG  6 7_556 0.193  -0.195 -0.259 9.054   -11.604 0.649  3 A_DC3:DG6_A  A 3 ? A 6 ? 19 1 
1 A DC  4 1_555 A G31 5 7_556 0.138  -0.060 0.129  -3.216  -3.896  0.256  4 A_DC4:G315_A A 4 ? A 5 ? 19 1 
1 A G31 5 1_555 A DC  4 7_556 -0.138 -0.060 0.129  3.216   -3.896  0.256  5 A_G315:DC4_A A 5 ? A 4 ? 19 1 
1 A DG  6 1_555 A DC  3 7_556 -0.193 -0.195 -0.259 -9.054  -11.604 0.649  6 A_DG6:DC3_A  A 6 ? A 3 ? 19 1 
1 A DG  7 1_555 A DC  2 7_556 -0.265 -0.117 -0.072 -10.328 -12.927 1.787  7 A_DG7:DC2_A  A 7 ? A 2 ? 19 1 
1 A DC  8 1_555 A DG  1 7_556 0.271  -0.193 0.195  -0.881  -6.088  -3.866 8 A_DC8:DG1_A  A 8 ? A 1 ? 19 1 
# 
loop_
_ndb_struct_na_base_pair_step.model_number 
_ndb_struct_na_base_pair_step.i_label_asym_id_1 
_ndb_struct_na_base_pair_step.i_label_comp_id_1 
_ndb_struct_na_base_pair_step.i_label_seq_id_1 
_ndb_struct_na_base_pair_step.i_symmetry_1 
_ndb_struct_na_base_pair_step.j_label_asym_id_1 
_ndb_struct_na_base_pair_step.j_label_comp_id_1 
_ndb_struct_na_base_pair_step.j_label_seq_id_1 
_ndb_struct_na_base_pair_step.j_symmetry_1 
_ndb_struct_na_base_pair_step.i_label_asym_id_2 
_ndb_struct_na_base_pair_step.i_label_comp_id_2 
_ndb_struct_na_base_pair_step.i_label_seq_id_2 
_ndb_struct_na_base_pair_step.i_symmetry_2 
_ndb_struct_na_base_pair_step.j_label_asym_id_2 
_ndb_struct_na_base_pair_step.j_label_comp_id_2 
_ndb_struct_na_base_pair_step.j_label_seq_id_2 
_ndb_struct_na_base_pair_step.j_symmetry_2 
_ndb_struct_na_base_pair_step.shift 
_ndb_struct_na_base_pair_step.slide 
_ndb_struct_na_base_pair_step.rise 
_ndb_struct_na_base_pair_step.tilt 
_ndb_struct_na_base_pair_step.roll 
_ndb_struct_na_base_pair_step.twist 
_ndb_struct_na_base_pair_step.x_displacement 
_ndb_struct_na_base_pair_step.y_displacement 
_ndb_struct_na_base_pair_step.helical_rise 
_ndb_struct_na_base_pair_step.inclination 
_ndb_struct_na_base_pair_step.tip 
_ndb_struct_na_base_pair_step.helical_twist 
_ndb_struct_na_base_pair_step.step_number 
_ndb_struct_na_base_pair_step.step_name 
_ndb_struct_na_base_pair_step.i_auth_asym_id_1 
_ndb_struct_na_base_pair_step.i_auth_seq_id_1 
_ndb_struct_na_base_pair_step.i_PDB_ins_code_1 
_ndb_struct_na_base_pair_step.j_auth_asym_id_1 
_ndb_struct_na_base_pair_step.j_auth_seq_id_1 
_ndb_struct_na_base_pair_step.j_PDB_ins_code_1 
_ndb_struct_na_base_pair_step.i_auth_asym_id_2 
_ndb_struct_na_base_pair_step.i_auth_seq_id_2 
_ndb_struct_na_base_pair_step.i_PDB_ins_code_2 
_ndb_struct_na_base_pair_step.j_auth_asym_id_2 
_ndb_struct_na_base_pair_step.j_auth_seq_id_2 
_ndb_struct_na_base_pair_step.j_PDB_ins_code_2 
1 A DG  1 1_555 A DC  8 7_556 A DC  2 1_555 A DG  7 7_556 0.596  -1.163 3.074 1.732  6.933 32.140 -3.128 -0.783 2.796 12.333 
-3.080 32.905 1 AA_DG1DC2:DG7DC8_AA   A 1 ? A 8 ? A 2 ? A 7 ? 
1 A DC  2 1_555 A DG  7 7_556 A DC  3 1_555 A DG  6 7_556 -0.152 -1.708 3.399 1.519  7.315 30.619 -4.483 0.558  2.912 13.599 
-2.824 31.496 2 AA_DC2DC3:DG6DG7_AA   A 2 ? A 7 ? A 3 ? A 6 ? 
1 A DC  3 1_555 A DG  6 7_556 A DC  4 1_555 A G31 5 7_556 0.174  -1.659 3.667 -1.315 5.166 36.762 -3.355 -0.464 3.403 8.138  2.072 
37.133 3 AA_DC3DC4:G315DG6_AA  A 3 ? A 6 ? A 4 ? A 5 ? 
1 A DC  4 1_555 A G31 5 7_556 A G31 5 1_555 A DC  4 7_556 0.000  -1.938 3.236 0.000  2.872 22.539 -5.906 0.000  2.969 7.309  0.000 
22.719 4 AA_DC4G315:DC4G315_AA A 4 ? A 5 ? A 5 ? A 4 ? 
1 A G31 5 1_555 A DC  4 7_556 A DG  6 1_555 A DC  3 7_556 -0.174 -1.659 3.667 1.315  5.166 36.762 -3.355 0.464  3.403 8.138  
-2.072 37.133 5 AA_G315DG6:DC3DC4_AA  A 5 ? A 4 ? A 6 ? A 3 ? 
1 A DG  6 1_555 A DC  3 7_556 A DG  7 1_555 A DC  2 7_556 0.152  -1.708 3.399 -1.519 7.315 30.619 -4.483 -0.558 2.912 13.600 2.824 
31.496 6 AA_DG6DG7:DC2DC3_AA   A 6 ? A 3 ? A 7 ? A 2 ? 
1 A DG  7 1_555 A DC  2 7_556 A DC  8 1_555 A DG  1 7_556 -0.596 -1.163 3.074 -1.732 6.933 32.140 -3.128 0.783  2.796 12.332 3.080 
32.905 7 AA_DG7DC8:DG1DC2_AA   A 7 ? A 2 ? A 8 ? A 1 ? 
# 
_atom_sites.entry_id                    1D26 
_atom_sites.fract_transf_matrix[1][1]   0.00377874 
_atom_sites.fract_transf_matrix[1][2]   0.01464381 
_atom_sites.fract_transf_matrix[1][3]   0.01745448 
_atom_sites.fract_transf_matrix[2][1]   -0.01646413 
_atom_sites.fract_transf_matrix[2][2]   -0.01047500 
_atom_sites.fract_transf_matrix[2][3]   0.01235257 
_atom_sites.fract_transf_matrix[3][1]   0.02781094 
_atom_sites.fract_transf_matrix[3][2]   -0.02554198 
_atom_sites.fract_transf_matrix[3][3]   0.01540818 
_atom_sites.fract_transf_vector[1]      0.767282 
_atom_sites.fract_transf_vector[2]      0.783365 
_atom_sites.fract_transf_vector[3]      0.597293 
# 
loop_
_atom_type.symbol 
C 
N 
O 
P 
# 
loop_
_atom_site.group_PDB 
_atom_site.id 
_atom_site.type_symbol 
_atom_site.label_atom_id 
_atom_site.label_alt_id 
_atom_site.label_comp_id 
_atom_site.label_asym_id 
_atom_site.label_entity_id 
_atom_site.label_seq_id 
_atom_site.pdbx_PDB_ins_code 
_atom_site.Cartn_x 
_atom_site.Cartn_y 
_atom_site.Cartn_z 
_atom_site.occupancy 
_atom_site.B_iso_or_equiv 
_atom_site.pdbx_formal_charge 
_atom_site.auth_seq_id 
_atom_site.auth_comp_id 
_atom_site.auth_asym_id 
_atom_site.auth_atom_id 
_atom_site.pdbx_PDB_model_num 
ATOM   1   O "O5'" . DG  A 1 1 ? -13.048 1.110   5.168  1.00 16.21 ? 1  DG  A "O5'" 1 
ATOM   2   C "C5'" . DG  A 1 1 ? -13.787 0.558   6.300  1.00 16.62 ? 1  DG  A "C5'" 1 
ATOM   3   C "C4'" . DG  A 1 1 ? -13.988 -0.908  5.946  1.00 17.07 ? 1  DG  A "C4'" 1 
ATOM   4   O "O4'" . DG  A 1 1 ? -14.658 -1.067  4.724  1.00 14.92 ? 1  DG  A "O4'" 1 
ATOM   5   C "C3'" . DG  A 1 1 ? -12.676 -1.628  5.715  1.00 16.53 ? 1  DG  A "C3'" 1 
ATOM   6   O "O3'" . DG  A 1 1 ? -12.109 -2.103  6.943  1.00 21.31 ? 1  DG  A "O3'" 1 
ATOM   7   C "C2'" . DG  A 1 1 ? -13.072 -2.798  4.842  1.00 15.57 ? 1  DG  A "C2'" 1 
ATOM   8   C "C1'" . DG  A 1 1 ? -14.175 -2.205  4.044  1.00 12.32 ? 1  DG  A "C1'" 1 
ATOM   9   N N9    . DG  A 1 1 ? -13.617 -1.705  2.769  1.00 12.68 ? 1  DG  A N9    1 
ATOM   10  C C8    . DG  A 1 1 ? -13.356 -0.394  2.519  1.00 13.40 ? 1  DG  A C8    1 
ATOM   11  N N7    . DG  A 1 1 ? -12.996 -0.226  1.263  1.00 11.71 ? 1  DG  A N7    1 
ATOM   12  C C5    . DG  A 1 1 ? -12.904 -1.485  0.724  1.00 10.08 ? 1  DG  A C5    1 
ATOM   13  C C6    . DG  A 1 1 ? -12.511 -1.931  -0.563 1.00 12.17 ? 1  DG  A C6    1 
ATOM   14  O O6    . DG  A 1 1 ? -12.091 -1.267  -1.520 1.00 15.80 ? 1  DG  A O6    1 
ATOM   15  N N1    . DG  A 1 1 ? -12.614 -3.273  -0.738 1.00 12.04 ? 1  DG  A N1    1 
ATOM   16  C C2    . DG  A 1 1 ? -13.033 -4.105  0.240  1.00 13.26 ? 1  DG  A C2    1 
ATOM   17  N N2    . DG  A 1 1 ? -13.110 -5.400  -0.118 1.00 18.20 ? 1  DG  A N2    1 
ATOM   18  N N3    . DG  A 1 1 ? -13.415 -3.736  1.452  1.00 13.69 ? 1  DG  A N3    1 
ATOM   19  C C4    . DG  A 1 1 ? -13.333 -2.402  1.633  1.00 11.24 ? 1  DG  A C4    1 
ATOM   20  P P     . DC  A 1 2 ? -10.531 -2.219  7.231  1.00 23.10 ? 2  DC  A P     1 
ATOM   21  O OP1   . DC  A 1 2 ? -10.367 -1.947  8.652  1.00 25.74 ? 2  DC  A OP1   1 
ATOM   22  O OP2   . DC  A 1 2 ? -10.028 -0.873  6.664  1.00 21.62 ? 2  DC  A OP2   1 
ATOM   23  O "O5'" . DC  A 1 2 ? -10.147 -3.349  6.234  1.00 21.51 ? 2  DC  A "O5'" 1 
ATOM   24  C "C5'" . DC  A 1 2 ? -10.091 -4.731  6.586  1.00 18.01 ? 2  DC  A "C5'" 1 
ATOM   25  C "C4'" . DC  A 1 2 ? -9.882  -5.463  5.304  1.00 17.64 ? 2  DC  A "C4'" 1 
ATOM   26  O "O4'" . DC  A 1 2 ? -10.711 -4.908  4.306  1.00 21.26 ? 2  DC  A "O4'" 1 
ATOM   27  C "C3'" . DC  A 1 2 ? -8.477  -5.397  4.675  1.00 16.77 ? 2  DC  A "C3'" 1 
ATOM   28  O "O3'" . DC  A 1 2 ? -7.613  -6.244  5.359  1.00 22.98 ? 2  DC  A "O3'" 1 
ATOM   29  C "C2'" . DC  A 1 2 ? -8.764  -5.922  3.264  1.00 13.38 ? 2  DC  A "C2'" 1 
ATOM   30  C "C1'" . DC  A 1 2 ? -10.088 -5.233  3.023  1.00 14.00 ? 2  DC  A "C1'" 1 
ATOM   31  N N1    . DC  A 1 2 ? -9.874  -3.958  2.349  1.00 14.95 ? 2  DC  A N1    1 
ATOM   32  C C2    . DC  A 1 2 ? -9.681  -4.065  0.993  1.00 20.01 ? 2  DC  A C2    1 
ATOM   33  O O2    . DC  A 1 2 ? -9.695  -5.168  0.397  1.00 20.86 ? 2  DC  A O2    1 
ATOM   34  N N3    . DC  A 1 2 ? -9.491  -2.914  0.273  1.00 12.41 ? 2  DC  A N3    1 
ATOM   35  C C4    . DC  A 1 2 ? -9.524  -1.706  0.824  1.00 13.79 ? 2  DC  A C4    1 
ATOM   36  N N4    . DC  A 1 2 ? -9.321  -0.668  0.007  1.00 14.85 ? 2  DC  A N4    1 
ATOM   37  C C5    . DC  A 1 2 ? -9.732  -1.590  2.223  1.00 16.15 ? 2  DC  A C5    1 
ATOM   38  C C6    . DC  A 1 2 ? -9.896  -2.731  2.957  1.00 15.06 ? 2  DC  A C6    1 
ATOM   39  P P     . DC  A 1 3 ? -6.024  -6.260  5.424  1.00 24.50 ? 3  DC  A P     1 
ATOM   40  O OP1   . DC  A 1 3 ? -5.674  -6.879  6.652  1.00 29.06 ? 3  DC  A OP1   1 
ATOM   41  O OP2   . DC  A 1 3 ? -5.717  -4.737  5.609  1.00 28.93 ? 3  DC  A OP2   1 
ATOM   42  O "O5'" . DC  A 1 3 ? -5.549  -6.589  3.923  1.00 17.26 ? 3  DC  A "O5'" 1 
ATOM   43  C "C5'" . DC  A 1 3 ? -5.689  -8.005  3.606  1.00 20.93 ? 3  DC  A "C5'" 1 
ATOM   44  C "C4'" . DC  A 1 3 ? -5.174  -8.015  2.186  1.00 18.27 ? 3  DC  A "C4'" 1 
ATOM   45  O "O4'" . DC  A 1 3 ? -6.059  -7.210  1.438  1.00 25.17 ? 3  DC  A "O4'" 1 
ATOM   46  C "C3'" . DC  A 1 3 ? -3.834  -7.353  1.999  1.00 22.05 ? 3  DC  A "C3'" 1 
ATOM   47  O "O3'" . DC  A 1 3 ? -2.762  -8.259  2.086  1.00 23.64 ? 3  DC  A "O3'" 1 
ATOM   48  C "C2'" . DC  A 1 3 ? -3.911  -6.880  0.541  1.00 23.43 ? 3  DC  A "C2'" 1 
ATOM   49  C "C1'" . DC  A 1 3 ? -5.372  -6.593  0.359  1.00 20.14 ? 3  DC  A "C1'" 1 
ATOM   50  N N1    . DC  A 1 3 ? -5.533  -5.121  0.356  1.00 21.29 ? 3  DC  A N1    1 
ATOM   51  C C2    . DC  A 1 3 ? -5.428  -4.570  -0.913 1.00 20.86 ? 3  DC  A C2    1 
ATOM   52  O O2    . DC  A 1 3 ? -5.194  -5.320  -1.870 1.00 21.72 ? 3  DC  A O2    1 
ATOM   53  N N3    . DC  A 1 3 ? -5.602  -3.214  -1.057 1.00 15.45 ? 3  DC  A N3    1 
ATOM   54  C C4    . DC  A 1 3 ? -5.874  -2.437  0.041  1.00 19.26 ? 3  DC  A C4    1 
ATOM   55  N N4    . DC  A 1 3 ? -5.989  -1.108  -0.086 1.00 18.66 ? 3  DC  A N4    1 
ATOM   56  C C5    . DC  A 1 3 ? -5.968  -3.027  1.335  1.00 18.82 ? 3  DC  A C5    1 
ATOM   57  C C6    . DC  A 1 3 ? -5.781  -4.344  1.455  1.00 17.43 ? 3  DC  A C6    1 
ATOM   58  P P     . DC  A 1 4 ? -1.218  -7.977  1.858  1.00 26.14 ? 4  DC  A P     1 
ATOM   59  O OP1   . DC  A 1 4 ? -0.555  -9.236  2.313  1.00 30.06 ? 4  DC  A OP1   1 
ATOM   60  O OP2   . DC  A 1 4 ? -1.142  -6.864  2.805  1.00 32.03 ? 4  DC  A OP2   1 
ATOM   61  O "O5'" . DC  A 1 4 ? -0.676  -7.520  0.418  1.00 23.01 ? 4  DC  A "O5'" 1 
ATOM   62  C "C5'" . DC  A 1 4 ? -0.881  -8.272  -0.785 1.00 20.93 ? 4  DC  A "C5'" 1 
ATOM   63  C "C4'" . DC  A 1 4 ? -0.434  -7.449  -1.986 1.00 19.39 ? 4  DC  A "C4'" 1 
ATOM   64  O "O4'" . DC  A 1 4 ? -1.429  -6.560  -2.453 1.00 19.54 ? 4  DC  A "O4'" 1 
ATOM   65  C "C3'" . DC  A 1 4 ? 0.786   -6.586  -1.684 1.00 14.18 ? 4  DC  A "C3'" 1 
ATOM   66  O "O3'" . DC  A 1 4 ? 1.963   -7.406  -1.904 1.00 18.55 ? 4  DC  A "O3'" 1 
ATOM   67  C "C2'" . DC  A 1 4 ? 0.675   -5.460  -2.651 1.00 12.37 ? 4  DC  A "C2'" 1 
ATOM   68  C "C1'" . DC  A 1 4 ? -0.809  -5.335  -2.847 1.00 16.88 ? 4  DC  A "C1'" 1 
ATOM   69  N N1    . DC  A 1 4 ? -1.288  -4.201  -2.028 1.00 10.63 ? 4  DC  A N1    1 
ATOM   70  C C2    . DC  A 1 4 ? -1.260  -2.988  -2.678 1.00 12.45 ? 4  DC  A C2    1 
ATOM   71  O O2    . DC  A 1 4 ? -0.852  -2.943  -3.847 1.00 14.34 ? 4  DC  A O2    1 
ATOM   72  N N3    . DC  A 1 4 ? -1.719  -1.859  -2.043 1.00 13.42 ? 4  DC  A N3    1 
ATOM   73  C C4    . DC  A 1 4 ? -2.155  -1.932  -0.741 1.00 13.54 ? 4  DC  A C4    1 
ATOM   74  N N4    . DC  A 1 4 ? -2.551  -0.813  -0.151 1.00 14.22 ? 4  DC  A N4    1 
ATOM   75  C C5    . DC  A 1 4 ? -2.122  -3.179  -0.039 1.00 12.41 ? 4  DC  A C5    1 
ATOM   76  C C6    . DC  A 1 4 ? -1.673  -4.271  -0.717 1.00 12.81 ? 4  DC  A C6    1 
HETATM 77  P P     . G31 A 1 5 ? 3.421   -6.847  -1.428 1.00 19.62 ? 5  G31 A P     1 
HETATM 78  O O1P   . G31 A 1 5 ? 4.301   -7.988  -1.671 1.00 25.66 ? 5  G31 A O1P   1 
HETATM 79  O O2P   . G31 A 1 5 ? 3.195   -6.180  -0.209 1.00 17.98 ? 5  G31 A O2P   1 
HETATM 80  O "O5'" . G31 A 1 5 ? 3.698   -5.727  -2.572 1.00 16.50 ? 5  G31 A "O5'" 1 
HETATM 81  C "C5'" . G31 A 1 5 ? 4.503   -4.542  -2.331 1.00 15.99 ? 5  G31 A "C5'" 1 
HETATM 82  C "C4'" . G31 A 1 5 ? 4.406   -3.758  -3.649 1.00 15.82 ? 5  G31 A "C4'" 1 
HETATM 83  O "O4'" . G31 A 1 5 ? 3.074   -3.401  -3.884 1.00 14.33 ? 5  G31 A "O4'" 1 
HETATM 84  C "C3'" . G31 A 1 5 ? 5.204   -2.475  -3.603 1.00 17.18 ? 5  G31 A "C3'" 1 
HETATM 85  C "C2'" . G31 A 1 5 ? 4.333   -1.471  -4.326 1.00 18.59 ? 5  G31 A "C2'" 1 
HETATM 86  C "C1'" . G31 A 1 5 ? 2.936   -1.986  -4.113 1.00 17.50 ? 5  G31 A "C1'" 1 
HETATM 87  N N9    . G31 A 1 5 ? 2.329   -1.282  -2.973 1.00 12.87 ? 5  G31 A N9    1 
HETATM 88  C C8    . G31 A 1 5 ? 1.942   -1.770  -1.759 1.00 10.10 ? 5  G31 A C8    1 
HETATM 89  N N7    . G31 A 1 5 ? 1.426   -0.862  -0.964 1.00 12.45 ? 5  G31 A N7    1 
HETATM 90  C C5    . G31 A 1 5 ? 1.423   0.294   -1.745 1.00 12.32 ? 5  G31 A C5    1 
HETATM 91  C C6    . G31 A 1 5 ? 0.918   1.591   -1.503 1.00 11.58 ? 5  G31 A C6    1 
HETATM 92  O O6    . G31 A 1 5 ? 0.410   2.035   -0.477 1.00 14.79 ? 5  G31 A O6    1 
HETATM 93  N N1    . G31 A 1 5 ? 1.063   2.486   -2.543 1.00 11.24 ? 5  G31 A N1    1 
HETATM 94  C C2    . G31 A 1 5 ? 1.625   2.079   -3.710 1.00 12.88 ? 5  G31 A C2    1 
HETATM 95  N N2    . G31 A 1 5 ? 1.657   3.044   -4.647 1.00 12.48 ? 5  G31 A N2    1 
HETATM 96  N N3    . G31 A 1 5 ? 2.101   0.870   -4.036 1.00 13.26 ? 5  G31 A N3    1 
HETATM 97  C C4    . G31 A 1 5 ? 1.937   0.030   -2.998 1.00 13.21 ? 5  G31 A C4    1 
HETATM 98  C C3M   . G31 A 1 5 ? 6.578   -2.728  -4.227 1.00 17.32 ? 5  G31 A C3M   1 
ATOM   99  P P     . DG  A 1 6 ? 7.735   -1.489  -3.546 1.00 16.28 ? 6  DG  A P     1 
ATOM   100 O OP1   . DG  A 1 6 ? 7.711   -1.567  -2.180 1.00 8.52  ? 6  DG  A OP1   1 
ATOM   101 O OP2   . DG  A 1 6 ? 9.088   -1.772  -4.094 1.00 23.93 ? 6  DG  A OP2   1 
ATOM   102 O "O5'" . DG  A 1 6 ? 7.401   -0.123  -4.184 1.00 12.75 ? 6  DG  A "O5'" 1 
ATOM   103 C "C5'" . DG  A 1 6 ? 7.702   0.166   -5.580 1.00 13.28 ? 6  DG  A "C5'" 1 
ATOM   104 C "C4'" . DG  A 1 6 ? 7.092   1.544   -5.774 1.00 17.96 ? 6  DG  A "C4'" 1 
ATOM   105 O "O4'" . DG  A 1 6 ? 5.673   1.690   -5.509 1.00 16.55 ? 6  DG  A "O4'" 1 
ATOM   106 C "C3'" . DG  A 1 6 ? 7.762   2.598   -4.862 1.00 17.76 ? 6  DG  A "C3'" 1 
ATOM   107 O "O3'" . DG  A 1 6 ? 9.106   2.845   -5.273 1.00 22.86 ? 6  DG  A "O3'" 1 
ATOM   108 C "C2'" . DG  A 1 6 ? 6.812   3.794   -5.017 1.00 17.17 ? 6  DG  A "C2'" 1 
ATOM   109 C "C1'" . DG  A 1 6 ? 5.497   3.044   -4.991 1.00 12.94 ? 6  DG  A "C1'" 1 
ATOM   110 N N9    . DG  A 1 6 ? 5.070   2.910   -3.611 1.00 9.43  ? 6  DG  A N9    1 
ATOM   111 C C8    . DG  A 1 6 ? 5.091   1.776   -2.837 1.00 10.82 ? 6  DG  A C8    1 
ATOM   112 N N7    . DG  A 1 6 ? 4.595   1.956   -1.644 1.00 9.80  ? 6  DG  A N7    1 
ATOM   113 C C5    . DG  A 1 6 ? 4.217   3.299   -1.617 1.00 9.62  ? 6  DG  A C5    1 
ATOM   114 C C6    . DG  A 1 6 ? 3.695   4.125   -0.615 1.00 7.50  ? 6  DG  A C6    1 
ATOM   115 O O6    . DG  A 1 6 ? 3.293   3.898   0.533  1.00 12.91 ? 6  DG  A O6    1 
ATOM   116 N N1    . DG  A 1 6 ? 3.501   5.406   -1.035 1.00 8.11  ? 6  DG  A N1    1 
ATOM   117 C C2    . DG  A 1 6 ? 3.832   5.902   -2.222 1.00 13.41 ? 6  DG  A C2    1 
ATOM   118 N N2    . DG  A 1 6 ? 3.544   7.190   -2.421 1.00 14.23 ? 6  DG  A N2    1 
ATOM   119 N N3    . DG  A 1 6 ? 4.425   5.177   -3.163 1.00 13.93 ? 6  DG  A N3    1 
ATOM   120 C C4    . DG  A 1 6 ? 4.544   3.885   -2.820 1.00 9.95  ? 6  DG  A C4    1 
ATOM   121 P P     . DG  A 1 7 ? 10.287  3.387   -4.379 1.00 19.27 ? 7  DG  A P     1 
ATOM   122 O OP1   . DG  A 1 7 ? 11.453  3.331   -5.278 1.00 26.66 ? 7  DG  A OP1   1 
ATOM   123 O OP2   . DG  A 1 7 ? 10.244  2.624   -3.054 1.00 22.20 ? 7  DG  A OP2   1 
ATOM   124 O "O5'" . DG  A 1 7 ? 9.977   4.917   -3.918 1.00 18.97 ? 7  DG  A "O5'" 1 
ATOM   125 C "C5'" . DG  A 1 7 ? 9.612   5.871   -4.937 1.00 18.08 ? 7  DG  A "C5'" 1 
ATOM   126 C "C4'" . DG  A 1 7 ? 9.063   7.125   -4.282 1.00 16.25 ? 7  DG  A "C4'" 1 
ATOM   127 O "O4'" . DG  A 1 7 ? 7.758   6.816   -3.775 1.00 16.47 ? 7  DG  A "O4'" 1 
ATOM   128 C "C3'" . DG  A 1 7 ? 9.811   7.687   -3.101 1.00 16.08 ? 7  DG  A "C3'" 1 
ATOM   129 O "O3'" . DG  A 1 7 ? 10.883  8.531   -3.490 1.00 22.04 ? 7  DG  A "O3'" 1 
ATOM   130 C "C2'" . DG  A 1 7 ? 8.713   8.472   -2.369 1.00 12.92 ? 7  DG  A "C2'" 1 
ATOM   131 C "C1'" . DG  A 1 7 ? 7.523   7.614   -2.578 1.00 12.87 ? 7  DG  A "C1'" 1 
ATOM   132 N N9    . DG  A 1 7 ? 7.267   6.690   -1.443 1.00 16.82 ? 7  DG  A N9    1 
ATOM   133 C C8    . DG  A 1 7 ? 7.473   5.334   -1.382 1.00 10.46 ? 7  DG  A C8    1 
ATOM   134 N N7    . DG  A 1 7 ? 7.055   4.836   -0.238 1.00 15.21 ? 7  DG  A N7    1 
ATOM   135 C C5    . DG  A 1 7 ? 6.553   5.893   0.491  1.00 12.81 ? 7  DG  A C5    1 
ATOM   136 C C6    . DG  A 1 7 ? 5.954   6.011   1.776  1.00 13.62 ? 7  DG  A C6    1 
ATOM   137 O O6    . DG  A 1 7 ? 5.783   5.111   2.598  1.00 15.19 ? 7  DG  A O6    1 
ATOM   138 N N1    . DG  A 1 7 ? 5.547   7.284   2.103  1.00 14.71 ? 7  DG  A N1    1 
ATOM   139 C C2    . DG  A 1 7 ? 5.712   8.345   1.303  1.00 11.61 ? 7  DG  A C2    1 
ATOM   140 N N2    . DG  A 1 7 ? 5.319   9.587   1.606  1.00 12.20 ? 7  DG  A N2    1 
ATOM   141 N N3    . DG  A 1 7 ? 6.256   8.236   0.097  1.00 13.45 ? 7  DG  A N3    1 
ATOM   142 C C4    . DG  A 1 7 ? 6.644   7.026   -0.273 1.00 12.05 ? 7  DG  A C4    1 
ATOM   143 P P     . DC  A 1 8 ? 12.142  8.889   -2.585 1.00 20.65 ? 8  DC  A P     1 
ATOM   144 O OP1   . DC  A 1 8 ? 13.023  9.441   -3.663 1.00 23.73 ? 8  DC  A OP1   1 
ATOM   145 O OP2   . DC  A 1 8 ? 12.507  7.657   -1.906 1.00 26.75 ? 8  DC  A OP2   1 
ATOM   146 O "O5'" . DC  A 1 8 ? 11.819  9.850   -1.401 1.00 25.15 ? 8  DC  A "O5'" 1 
ATOM   147 C "C5'" . DC  A 1 8 ? 11.043  10.999  -1.809 1.00 27.85 ? 8  DC  A "C5'" 1 
ATOM   148 C "C4'" . DC  A 1 8 ? 10.513  11.657  -0.539 1.00 26.77 ? 8  DC  A "C4'" 1 
ATOM   149 O "O4'" . DC  A 1 8 ? 9.457   10.899  -0.007 1.00 27.18 ? 8  DC  A "O4'" 1 
ATOM   150 C "C3'" . DC  A 1 8 ? 11.595  11.771  0.507  1.00 29.45 ? 8  DC  A "C3'" 1 
ATOM   151 O "O3'" . DC  A 1 8 ? 12.031  13.126  0.673  1.00 44.79 ? 8  DC  A "O3'" 1 
ATOM   152 C "C2'" . DC  A 1 8 ? 10.975  11.325  1.794  1.00 28.45 ? 8  DC  A "C2'" 1 
ATOM   153 C "C1'" . DC  A 1 8 ? 9.621   10.872  1.419  1.00 22.31 ? 8  DC  A "C1'" 1 
ATOM   154 N N1    . DC  A 1 8 ? 9.464   9.466   1.888  1.00 19.44 ? 8  DC  A N1    1 
ATOM   155 C C2    . DC  A 1 8 ? 8.806   9.359   3.106  1.00 16.95 ? 8  DC  A C2    1 
ATOM   156 O O2    . DC  A 1 8 ? 8.401   10.344  3.724  1.00 20.29 ? 8  DC  A O2    1 
ATOM   157 N N3    . DC  A 1 8 ? 8.515   8.108   3.593  1.00 16.14 ? 8  DC  A N3    1 
ATOM   158 C C4    . DC  A 1 8 ? 8.960   7.024   2.917  1.00 13.61 ? 8  DC  A C4    1 
ATOM   159 N N4    . DC  A 1 8 ? 8.699   5.846   3.400  1.00 14.01 ? 8  DC  A N4    1 
ATOM   160 C C5    . DC  A 1 8 ? 9.664   7.155   1.693  1.00 16.84 ? 8  DC  A C5    1 
ATOM   161 C C6    . DC  A 1 8 ? 9.877   8.384   1.205  1.00 13.75 ? 8  DC  A C6    1 
HETATM 162 O O     . HOH B 2 . ? 2.705   0.346   -6.775 1.00 21.16 ? 9  HOH A O     1 
HETATM 163 O O     . HOH B 2 . ? -11.387 1.081   -1.895 1.00 28.17 ? 10 HOH A O     1 
HETATM 164 O O     . HOH B 2 . ? 12.370  11.773  -5.277 1.00 25.07 ? 11 HOH A O     1 
HETATM 165 O O     . HOH B 2 . ? 6.716   11.177  -1.004 1.00 28.73 ? 12 HOH A O     1 
HETATM 166 O O     . HOH B 2 . ? 4.845   0.381   0.317  1.00 30.31 ? 13 HOH A O     1 
HETATM 167 O O     . HOH B 2 . ? 6.845   -8.013  -3.391 1.00 37.36 ? 14 HOH A O     1 
HETATM 168 O O     . HOH B 2 . ? 6.900   1.582   1.483  1.00 48.80 ? 15 HOH A O     1 
HETATM 169 O O     . HOH B 2 . ? 7.242   -3.333  -0.391 1.00 40.88 ? 16 HOH A O     1 
HETATM 170 O O     . HOH B 2 . ? -6.638  -0.104  2.620  1.00 32.34 ? 17 HOH A O     1 
HETATM 171 O O     . HOH B 2 . ? -10.719 1.713   5.967  1.00 53.20 ? 18 HOH A O     1 
HETATM 172 O O     . HOH B 2 . ? 8.590   1.234   -1.375 1.00 30.18 ? 19 HOH A O     1 
HETATM 173 O O     . HOH B 2 . ? 2.345   -4.114  0.831  1.00 30.55 ? 20 HOH A O     1 
HETATM 174 O O     . HOH B 2 . ? -11.993 -1.045  10.642 1.00 28.43 ? 21 HOH A O     1 
HETATM 175 O O     . HOH B 2 . ? -12.554 2.386   0.700  1.00 40.73 ? 22 HOH A O     1 
HETATM 176 O O     . HOH B 2 . ? -5.605  -7.571  -2.700 1.00 41.51 ? 23 HOH A O     1 
HETATM 177 O O     . HOH B 2 . ? -3.077  -1.410  2.607  1.00 58.33 ? 24 HOH A O     1 
HETATM 178 O O     . HOH B 2 . ? -10.785 -7.887  0.273  1.00 45.05 ? 25 HOH A O     1 
HETATM 179 O O     . HOH B 2 . ? 0.723   -1.155  1.461  1.00 29.66 ? 26 HOH A O     1 
HETATM 180 O O     . HOH B 2 . ? 9.014   -3.368  -6.762 1.00 42.86 ? 27 HOH A O     1 
HETATM 181 O O     . HOH B 2 . ? 0.157   -11.541 3.566  1.00 49.01 ? 28 HOH A O     1 
HETATM 182 O O     . HOH B 2 . ? 0.011   -4.521  1.552  1.00 53.89 ? 29 HOH A O     1 
HETATM 183 O O     . HOH B 2 . ? 12.644  5.651   -0.097 1.00 52.14 ? 30 HOH A O     1 
HETATM 184 O O     . HOH B 2 . ? -1.352  -11.795 1.080  1.00 55.81 ? 31 HOH A O     1 
HETATM 185 O O     . HOH B 2 . ? -9.868  2.380   2.617  1.00 52.23 ? 32 HOH A O     1 
HETATM 186 O O     . HOH B 2 . ? 13.719  2.313   -3.339 1.00 59.73 ? 33 HOH A O     1 
HETATM 187 O O     . HOH B 2 . ? -14.725 2.636   4.130  1.00 55.44 ? 34 HOH A O     1 
HETATM 188 O O     . HOH B 2 . ? -6.561  -1.509  5.037  1.00 55.39 ? 35 HOH A O     1 
HETATM 189 O O     . HOH B 2 . ? 2.571   -8.354  2.312  1.00 49.19 ? 36 HOH A O     1 
HETATM 190 O O     . HOH B 2 . ? -1.117  1.318   1.567  1.00 49.37 ? 37 HOH A O     1 
# 
